data_4DT9
#
_entry.id   4DT9
#
_cell.length_a   42.252
_cell.length_b   101.288
_cell.length_c   73.389
_cell.angle_alpha   90.00
_cell.angle_beta   100.00
_cell.angle_gamma   90.00
#
_symmetry.space_group_name_H-M   'P 1 21 1'
#
loop_
_entity.id
_entity.type
_entity.pdbx_description
1 polymer "APH(2'')-Id"
2 non-polymer GUANOSINE
3 water water
#
_entity_poly.entity_id   1
_entity_poly.type   'polypeptide(L)'
_entity_poly.pdbx_seq_one_letter_code
;MRTYTFDQVEKAIEQLYPDFTINTIEISGEGNDCIAYEINRDFIFKFPKHSRGSTNLFNEVNILKRIHNKLPLPIPEVVF
TGMPSETYQMSFAGFTKIKGVPLTPLLLNNLPKQSQNQAAKDLARFLSELHSINISGFKSNLVLDFREKINEDNKKIKKL
LSRELKGPQMKKVDDFYRDILENEIYFKYYPCLIHNDFSSDHILFDTEKNTICGIIDFGDAAISDPDNDFISLMEDDEEY
GMEFVSKILNHYKHKDIPTVLEKYRMKEKYWSFEKIIYGKEYGYMDWYEEGLNEIRSIKIKLEHHHHHH
;
_entity_poly.pdbx_strand_id   A,B
#
loop_
_chem_comp.id
_chem_comp.type
_chem_comp.name
_chem_comp.formula
GMP non-polymer GUANOSINE 'C10 H13 N5 O5'
#
# COMPACT_ATOMS: atom_id res chain seq x y z
N MET A 1 11.28 -10.04 -10.71
CA MET A 1 12.03 -8.82 -11.04
C MET A 1 12.07 -8.61 -12.57
N ARG A 2 11.76 -7.40 -13.04
CA ARG A 2 11.86 -7.01 -14.48
C ARG A 2 13.05 -6.05 -14.77
N THR A 3 13.21 -5.69 -16.03
CA THR A 3 14.47 -5.17 -16.52
C THR A 3 14.23 -4.03 -17.50
N TYR A 4 15.24 -3.16 -17.69
CA TYR A 4 15.10 -2.08 -18.69
C TYR A 4 16.30 -1.95 -19.59
N THR A 5 16.05 -1.68 -20.86
CA THR A 5 17.06 -1.07 -21.72
C THR A 5 17.16 0.45 -21.44
N PHE A 6 18.22 1.08 -21.92
CA PHE A 6 18.32 2.54 -21.93
C PHE A 6 17.23 3.19 -22.79
N ASP A 7 16.88 2.60 -23.95
CA ASP A 7 15.80 3.14 -24.79
C ASP A 7 14.47 3.32 -24.06
N GLN A 8 14.02 2.26 -23.39
CA GLN A 8 12.81 2.32 -22.60
C GLN A 8 12.87 3.39 -21.50
N VAL A 9 14.02 3.51 -20.84
CA VAL A 9 14.21 4.49 -19.76
C VAL A 9 14.05 5.90 -20.33
N GLU A 10 14.70 6.16 -21.48
CA GLU A 10 14.59 7.42 -22.21
C GLU A 10 13.15 7.78 -22.58
N LYS A 11 12.40 6.85 -23.20
CA LYS A 11 11.01 7.10 -23.68
C LYS A 11 10.08 7.35 -22.50
N ALA A 12 10.35 6.66 -21.40
CA ALA A 12 9.53 6.78 -20.17
C ALA A 12 9.58 8.19 -19.66
N ILE A 13 10.78 8.76 -19.55
CA ILE A 13 10.98 10.12 -19.07
C ILE A 13 10.41 11.12 -20.10
N GLU A 14 10.65 10.84 -21.38
CA GLU A 14 10.20 11.70 -22.48
C GLU A 14 8.71 11.95 -22.46
N GLN A 15 7.92 10.87 -22.29
CA GLN A 15 6.47 10.93 -22.10
C GLN A 15 6.03 12.06 -21.17
N LEU A 16 6.62 12.06 -19.98
CA LEU A 16 6.30 13.02 -18.91
C LEU A 16 7.16 14.31 -18.90
N TYR A 17 8.38 14.25 -19.44
CA TYR A 17 9.31 15.41 -19.45
C TYR A 17 9.93 15.53 -20.85
N PRO A 18 9.14 16.04 -21.81
CA PRO A 18 9.58 15.99 -23.21
C PRO A 18 10.64 17.04 -23.45
N ASP A 19 10.61 18.09 -22.62
CA ASP A 19 11.59 19.17 -22.69
C ASP A 19 12.92 18.84 -22.03
N PHE A 20 13.07 17.66 -21.44
CA PHE A 20 14.33 17.27 -20.77
C PHE A 20 15.11 16.37 -21.71
N THR A 21 16.08 16.92 -22.42
CA THR A 21 16.87 16.09 -23.34
C THR A 21 18.02 15.32 -22.62
N ILE A 22 18.14 14.06 -23.00
CA ILE A 22 19.03 13.08 -22.42
C ILE A 22 20.26 12.93 -23.33
N ASN A 23 21.45 13.03 -22.75
CA ASN A 23 22.71 12.83 -23.48
C ASN A 23 23.39 11.50 -23.16
N THR A 24 23.45 11.19 -21.85
CA THR A 24 24.23 10.05 -21.33
C THR A 24 23.44 9.28 -20.29
N ILE A 25 23.48 7.95 -20.41
CA ILE A 25 22.89 7.02 -19.44
C ILE A 25 23.93 5.98 -19.06
N GLU A 26 23.99 5.62 -17.78
CA GLU A 26 24.86 4.55 -17.26
C GLU A 26 24.17 4.03 -15.99
N ILE A 27 24.42 2.78 -15.63
CA ILE A 27 23.92 2.28 -14.35
C ILE A 27 24.71 2.82 -13.18
N SER A 28 24.04 3.53 -12.28
CA SER A 28 24.65 4.05 -11.05
C SER A 28 24.77 2.97 -9.95
N GLY A 29 23.71 2.20 -9.76
CA GLY A 29 23.64 1.17 -8.72
C GLY A 29 22.29 0.45 -8.78
N GLU A 30 22.07 -0.44 -7.83
CA GLU A 30 20.90 -1.31 -7.83
C GLU A 30 20.70 -1.71 -6.39
N GLY A 31 19.48 -1.62 -5.90
CA GLY A 31 19.14 -2.21 -4.60
C GLY A 31 18.20 -3.40 -4.82
N ASN A 32 17.55 -3.79 -3.73
CA ASN A 32 16.48 -4.79 -3.77
C ASN A 32 15.23 -4.33 -4.57
N ASP A 33 14.91 -3.05 -4.50
CA ASP A 33 13.74 -2.51 -5.19
C ASP A 33 13.87 -2.00 -6.65
N CYS A 34 14.91 -1.18 -6.92
CA CYS A 34 15.02 -0.42 -8.19
C CYS A 34 16.41 -0.56 -8.82
N ILE A 35 16.49 -0.40 -10.14
CA ILE A 35 17.76 -0.02 -10.74
C ILE A 35 17.84 1.51 -10.75
N ALA A 36 19.04 2.03 -10.47
CA ALA A 36 19.36 3.47 -10.48
C ALA A 36 20.21 3.80 -11.67
N TYR A 37 19.77 4.78 -12.47
CA TYR A 37 20.52 5.20 -13.64
C TYR A 37 20.98 6.65 -13.52
N GLU A 38 22.22 6.90 -13.92
CA GLU A 38 22.80 8.24 -13.85
C GLU A 38 22.63 8.98 -15.17
N ILE A 39 21.70 9.92 -15.19
CA ILE A 39 21.43 10.71 -16.39
C ILE A 39 22.14 12.05 -16.34
N ASN A 40 22.76 12.43 -17.46
CA ASN A 40 23.48 13.71 -17.53
C ASN A 40 24.57 13.83 -16.47
N ARG A 41 24.99 12.68 -15.93
CA ARG A 41 26.02 12.66 -14.90
C ARG A 41 25.72 13.66 -13.79
N ASP A 42 24.44 13.97 -13.61
CA ASP A 42 24.02 14.90 -12.58
C ASP A 42 22.56 14.67 -12.17
N PHE A 43 22.10 13.43 -12.34
CA PHE A 43 20.74 13.07 -11.99
C PHE A 43 20.57 11.56 -11.89
N ILE A 44 20.03 11.10 -10.76
CA ILE A 44 19.82 9.68 -10.54
C ILE A 44 18.37 9.29 -10.74
N PHE A 45 18.14 8.35 -11.67
CA PHE A 45 16.79 7.89 -11.96
C PHE A 45 16.59 6.45 -11.49
N LYS A 46 15.55 6.23 -10.69
CA LYS A 46 15.27 4.93 -10.17
C LYS A 46 14.05 4.37 -10.84
N PHE A 47 14.18 3.18 -11.37
CA PHE A 47 13.06 2.49 -12.01
C PHE A 47 12.89 1.17 -11.24
N PRO A 48 11.63 0.82 -10.91
CA PRO A 48 11.34 -0.35 -10.07
C PRO A 48 11.51 -1.68 -10.76
N LYS A 49 12.08 -2.64 -10.06
CA LYS A 49 12.22 -3.98 -10.60
C LYS A 49 10.91 -4.81 -10.55
N HIS A 50 9.94 -4.39 -9.74
CA HIS A 50 8.69 -5.13 -9.53
C HIS A 50 7.72 -4.24 -8.75
N SER A 51 6.48 -4.70 -8.53
CA SER A 51 5.48 -3.84 -7.91
CA SER A 51 5.47 -3.84 -7.90
C SER A 51 5.87 -3.45 -6.48
N ARG A 52 6.34 -4.42 -5.69
CA ARG A 52 6.85 -4.16 -4.33
C ARG A 52 7.87 -3.06 -4.34
N GLY A 53 8.89 -3.18 -5.20
CA GLY A 53 9.94 -2.14 -5.25
C GLY A 53 9.37 -0.74 -5.52
N SER A 54 8.32 -0.69 -6.30
CA SER A 54 7.73 0.54 -6.77
C SER A 54 7.02 1.17 -5.61
N THR A 55 6.40 0.31 -4.81
CA THR A 55 5.73 0.78 -3.59
C THR A 55 6.74 1.43 -2.65
N ASN A 56 7.90 0.79 -2.50
CA ASN A 56 9.00 1.40 -1.76
C ASN A 56 9.53 2.70 -2.39
N LEU A 57 9.58 2.74 -3.71
CA LEU A 57 9.97 3.97 -4.38
C LEU A 57 8.98 5.13 -4.05
N PHE A 58 7.69 4.83 -4.12
CA PHE A 58 6.63 5.79 -3.78
C PHE A 58 6.82 6.29 -2.33
N ASN A 59 7.14 5.38 -1.40
CA ASN A 59 7.42 5.68 0.03
CA ASN A 59 7.31 5.80 -0.01
C ASN A 59 8.56 6.69 0.13
N GLU A 60 9.62 6.38 -0.60
CA GLU A 60 10.82 7.15 -0.53
C GLU A 60 10.56 8.56 -1.06
N VAL A 61 9.84 8.67 -2.16
CA VAL A 61 9.50 9.99 -2.73
C VAL A 61 8.69 10.78 -1.73
N ASN A 62 7.75 10.12 -1.12
CA ASN A 62 6.90 10.89 -0.18
C ASN A 62 7.57 11.32 1.10
N ILE A 63 8.46 10.49 1.63
CA ILE A 63 9.07 10.81 2.89
C ILE A 63 10.09 11.95 2.63
N LEU A 64 10.87 11.80 1.53
CA LEU A 64 11.91 12.79 1.16
C LEU A 64 11.33 14.17 1.05
N LYS A 65 10.16 14.30 0.44
CA LYS A 65 9.43 15.56 0.34
C LYS A 65 9.01 16.12 1.69
N ARG A 66 8.73 15.28 2.69
CA ARG A 66 8.42 15.80 4.01
C ARG A 66 9.67 16.18 4.83
N ILE A 67 10.83 15.59 4.55
CA ILE A 67 11.98 15.89 5.44
C ILE A 67 13.10 16.67 4.75
N HIS A 68 12.83 17.28 3.59
CA HIS A 68 13.88 17.69 2.66
C HIS A 68 14.82 18.75 3.20
N ASN A 69 14.37 19.55 4.15
CA ASN A 69 15.29 20.54 4.73
C ASN A 69 15.31 20.40 6.24
N LYS A 70 15.16 19.20 6.76
CA LYS A 70 15.16 19.02 8.23
C LYS A 70 16.47 18.40 8.80
N LEU A 71 17.43 18.06 7.93
CA LEU A 71 18.59 17.21 8.35
C LEU A 71 19.93 17.86 8.18
N PRO A 72 20.97 17.37 8.89
CA PRO A 72 22.24 18.11 8.82
C PRO A 72 23.12 17.62 7.66
N LEU A 73 22.62 16.63 6.91
CA LEU A 73 23.38 16.13 5.76
C LEU A 73 22.53 16.17 4.52
N PRO A 74 23.18 16.27 3.34
CA PRO A 74 22.43 16.05 2.09
C PRO A 74 21.75 14.72 2.03
N ILE A 75 20.53 14.73 1.49
CA ILE A 75 19.74 13.56 1.18
C ILE A 75 19.20 13.75 -0.25
N PRO A 76 18.70 12.69 -0.88
CA PRO A 76 18.27 12.83 -2.30
C PRO A 76 17.10 13.79 -2.40
N GLU A 77 17.17 14.67 -3.37
CA GLU A 77 16.18 15.64 -3.59
C GLU A 77 15.35 15.21 -4.81
N VAL A 78 14.04 15.09 -4.63
CA VAL A 78 13.16 14.67 -5.74
C VAL A 78 12.94 15.82 -6.76
N VAL A 79 13.35 15.55 -8.00
CA VAL A 79 13.19 16.49 -9.09
C VAL A 79 12.23 16.02 -10.19
N PHE A 80 12.06 14.70 -10.38
CA PHE A 80 11.18 14.17 -11.44
C PHE A 80 10.36 13.04 -10.86
N THR A 81 9.10 12.90 -11.30
CA THR A 81 8.29 11.77 -10.81
C THR A 81 7.56 11.14 -11.99
N GLY A 82 7.42 9.81 -11.93
CA GLY A 82 6.65 9.05 -12.89
C GLY A 82 5.20 9.04 -12.41
N MET A 83 4.42 8.09 -12.91
CA MET A 83 3.00 7.96 -12.58
C MET A 83 2.59 6.57 -12.12
N PRO A 84 1.39 6.44 -11.51
CA PRO A 84 0.93 5.13 -11.05
C PRO A 84 0.35 4.37 -12.24
N SER A 85 0.35 3.04 -12.17
CA SER A 85 -0.39 2.22 -13.13
C SER A 85 -1.03 1.09 -12.31
N GLU A 86 -1.57 0.08 -13.01
CA GLU A 86 -2.07 -1.12 -12.38
C GLU A 86 -0.96 -1.98 -11.83
N THR A 87 0.27 -1.83 -12.33
CA THR A 87 1.43 -2.59 -11.86
C THR A 87 2.30 -1.83 -10.83
N TYR A 88 2.53 -0.54 -11.05
CA TYR A 88 3.42 0.26 -10.17
C TYR A 88 2.75 1.46 -9.52
N GLN A 89 3.04 1.67 -8.23
CA GLN A 89 2.54 2.85 -7.52
C GLN A 89 3.27 4.08 -8.11
N MET A 90 4.51 3.88 -8.60
CA MET A 90 5.26 4.95 -9.24
CA MET A 90 5.35 4.95 -9.13
C MET A 90 6.28 4.36 -10.19
N SER A 91 6.09 4.71 -11.47
CA SER A 91 6.87 4.12 -12.56
C SER A 91 8.37 4.44 -12.55
N PHE A 92 8.72 5.61 -12.03
CA PHE A 92 10.12 6.04 -11.82
C PHE A 92 10.18 7.27 -10.93
N ALA A 93 11.36 7.60 -10.47
CA ALA A 93 11.56 8.91 -9.86
C ALA A 93 12.99 9.31 -10.20
N GLY A 94 13.18 10.62 -10.41
CA GLY A 94 14.55 11.12 -10.63
C GLY A 94 14.92 12.08 -9.51
N PHE A 95 16.16 11.93 -9.07
CA PHE A 95 16.72 12.66 -7.96
C PHE A 95 17.98 13.38 -8.39
N THR A 96 18.30 14.46 -7.69
CA THR A 96 19.63 15.08 -7.77
C THR A 96 20.70 14.06 -7.31
N LYS A 97 21.74 13.88 -8.11
CA LYS A 97 22.83 13.00 -7.70
C LYS A 97 23.69 13.62 -6.57
N ILE A 98 23.98 12.83 -5.55
CA ILE A 98 24.96 13.17 -4.54
C ILE A 98 26.32 12.55 -4.97
N LYS A 99 27.28 13.42 -5.27
CA LYS A 99 28.65 12.97 -5.58
C LYS A 99 29.23 12.38 -4.33
N GLY A 100 29.93 11.28 -4.46
CA GLY A 100 30.62 10.73 -3.30
C GLY A 100 30.71 9.24 -3.52
N VAL A 101 31.46 8.54 -2.64
CA VAL A 101 31.55 7.08 -2.67
C VAL A 101 31.10 6.54 -1.33
N PRO A 102 30.60 5.30 -1.30
CA PRO A 102 30.13 4.71 -0.02
C PRO A 102 31.23 4.76 1.09
N LEU A 103 30.83 5.01 2.35
CA LEU A 103 31.82 4.99 3.40
C LEU A 103 32.10 3.53 3.78
N THR A 104 32.90 2.80 2.98
CA THR A 104 32.97 1.38 3.32
C THR A 104 33.77 1.24 4.65
N PRO A 105 33.62 0.12 5.39
CA PRO A 105 34.49 -0.16 6.54
C PRO A 105 35.96 -0.03 6.18
N LEU A 106 36.38 -0.53 5.03
CA LEU A 106 37.79 -0.38 4.58
C LEU A 106 38.24 1.09 4.50
N LEU A 107 37.42 1.92 3.85
CA LEU A 107 37.76 3.33 3.66
C LEU A 107 37.82 4.01 5.05
N LEU A 108 36.85 3.66 5.88
CA LEU A 108 36.64 4.31 7.18
C LEU A 108 37.88 4.09 8.04
N ASN A 109 38.28 2.83 8.13
CA ASN A 109 39.45 2.45 8.90
C ASN A 109 40.78 2.93 8.38
N ASN A 110 40.86 3.29 7.10
CA ASN A 110 42.03 3.97 6.58
C ASN A 110 42.10 5.47 6.78
N LEU A 111 41.01 6.09 7.24
CA LEU A 111 41.02 7.49 7.50
C LEU A 111 41.89 7.84 8.75
N PRO A 112 42.44 9.05 8.77
CA PRO A 112 42.96 9.54 10.05
C PRO A 112 41.93 9.44 11.22
N LYS A 113 42.40 9.17 12.43
CA LYS A 113 41.53 9.03 13.59
C LYS A 113 40.60 10.22 13.81
N GLN A 114 41.06 11.46 13.65
CA GLN A 114 40.16 12.61 13.88
C GLN A 114 39.03 12.58 12.86
N SER A 115 39.30 12.07 11.65
CA SER A 115 38.27 11.97 10.59
C SER A 115 37.28 10.88 10.88
N GLN A 116 37.82 9.76 11.32
CA GLN A 116 36.94 8.69 11.78
C GLN A 116 36.03 9.21 12.89
N ASN A 117 36.56 10.02 13.80
CA ASN A 117 35.70 10.42 14.91
C ASN A 117 34.68 11.50 14.45
N GLN A 118 35.09 12.43 13.58
CA GLN A 118 34.13 13.36 12.99
C GLN A 118 32.95 12.60 12.29
N ALA A 119 33.28 11.52 11.57
CA ALA A 119 32.27 10.63 10.91
C ALA A 119 31.28 10.09 11.93
N ALA A 120 31.77 9.51 13.04
CA ALA A 120 30.86 9.02 14.10
C ALA A 120 29.97 10.15 14.60
N LYS A 121 30.57 11.34 14.85
CA LYS A 121 29.82 12.49 15.37
C LYS A 121 28.79 12.97 14.36
N ASP A 122 29.17 13.00 13.08
CA ASP A 122 28.29 13.44 12.01
C ASP A 122 27.16 12.41 11.83
N LEU A 123 27.46 11.13 11.96
CA LEU A 123 26.38 10.15 11.82
C LEU A 123 25.40 10.26 13.01
N ALA A 124 25.92 10.41 14.22
CA ALA A 124 25.07 10.61 15.39
C ALA A 124 24.17 11.84 15.26
N ARG A 125 24.71 12.98 14.80
CA ARG A 125 23.89 14.17 14.70
C ARG A 125 22.81 13.90 13.67
N PHE A 126 23.16 13.21 12.59
CA PHE A 126 22.14 12.92 11.60
C PHE A 126 21.00 12.08 12.17
N LEU A 127 21.36 10.97 12.86
CA LEU A 127 20.33 10.10 13.49
C LEU A 127 19.52 10.84 14.51
N SER A 128 20.22 11.67 15.29
CA SER A 128 19.60 12.35 16.42
C SER A 128 18.53 13.32 15.88
N GLU A 129 18.84 14.05 14.81
CA GLU A 129 17.87 14.94 14.18
C GLU A 129 16.78 14.15 13.50
N LEU A 130 17.14 13.08 12.78
CA LEU A 130 16.13 12.26 12.09
C LEU A 130 15.12 11.72 13.08
N HIS A 131 15.63 11.12 14.16
CA HIS A 131 14.76 10.53 15.17
C HIS A 131 13.95 11.56 15.91
N SER A 132 14.28 12.86 15.78
CA SER A 132 13.48 13.97 16.40
C SER A 132 12.50 14.59 15.44
N ILE A 133 12.49 14.23 14.17
CA ILE A 133 11.53 14.86 13.26
C ILE A 133 10.10 14.64 13.73
N ASN A 134 9.30 15.70 13.78
CA ASN A 134 7.96 15.49 14.31
C ASN A 134 7.13 14.69 13.31
N ILE A 135 6.55 13.60 13.78
CA ILE A 135 5.86 12.68 12.86
C ILE A 135 4.30 12.85 12.73
N SER A 136 3.71 13.90 13.30
CA SER A 136 2.24 14.08 13.18
C SER A 136 1.71 13.87 11.75
N GLY A 137 2.30 14.59 10.81
CA GLY A 137 1.79 14.69 9.46
C GLY A 137 2.12 13.52 8.58
N PHE A 138 2.82 12.54 9.15
CA PHE A 138 3.18 11.32 8.43
C PHE A 138 2.01 10.36 8.36
N LYS A 139 1.90 9.64 7.27
CA LYS A 139 0.91 8.58 7.10
C LYS A 139 1.04 7.54 8.22
N SER A 140 -0.02 7.37 9.02
CA SER A 140 -0.09 6.30 10.04
C SER A 140 0.27 4.94 9.47
N ASN A 141 0.12 4.79 8.15
CA ASN A 141 0.55 3.63 7.37
C ASN A 141 2.04 3.27 7.52
N LEU A 142 2.90 4.29 7.71
CA LEU A 142 4.35 4.11 7.83
C LEU A 142 4.82 3.56 9.17
N VAL A 143 3.99 3.66 10.21
CA VAL A 143 4.29 3.03 11.48
C VAL A 143 4.61 1.54 11.19
N LEU A 144 5.76 1.06 11.66
CA LEU A 144 6.00 -0.38 11.67
C LEU A 144 6.04 -0.80 13.13
N ASP A 145 5.04 -1.56 13.58
CA ASP A 145 5.04 -2.01 14.97
C ASP A 145 5.80 -3.32 15.09
N PHE A 146 6.91 -3.33 15.83
CA PHE A 146 7.76 -4.53 15.87
C PHE A 146 7.02 -5.70 16.46
N ARG A 147 6.20 -5.50 17.50
CA ARG A 147 5.50 -6.68 18.06
C ARG A 147 4.59 -7.26 17.00
N GLU A 148 3.89 -6.40 16.27
CA GLU A 148 3.00 -6.90 15.22
C GLU A 148 3.77 -7.63 14.13
N LYS A 149 4.88 -7.07 13.74
CA LYS A 149 5.66 -7.64 12.66
C LYS A 149 6.10 -9.04 13.05
N ILE A 150 6.57 -9.19 14.28
CA ILE A 150 7.06 -10.48 14.76
C ILE A 150 5.92 -11.53 14.81
N ASN A 151 4.71 -11.10 15.16
CA ASN A 151 3.59 -12.07 15.22
C ASN A 151 3.23 -12.50 13.82
N GLU A 152 3.20 -11.53 12.91
CA GLU A 152 2.92 -11.82 11.50
C GLU A 152 4.05 -12.67 10.91
N ASP A 153 5.31 -12.38 11.22
CA ASP A 153 6.36 -13.26 10.71
C ASP A 153 6.17 -14.73 11.18
N ASN A 154 5.82 -14.88 12.44
CA ASN A 154 5.57 -16.22 12.96
C ASN A 154 4.49 -16.94 12.11
N LYS A 155 3.35 -16.33 11.81
CA LYS A 155 2.34 -16.98 10.93
C LYS A 155 2.86 -17.24 9.50
N LYS A 156 3.60 -16.28 8.95
CA LYS A 156 4.12 -16.44 7.61
C LYS A 156 5.07 -17.65 7.52
N ILE A 157 5.93 -17.82 8.51
CA ILE A 157 6.89 -18.87 8.44
C ILE A 157 6.17 -20.19 8.55
N LYS A 158 5.23 -20.29 9.51
CA LYS A 158 4.42 -21.53 9.66
C LYS A 158 3.80 -21.92 8.33
N LYS A 159 3.22 -20.94 7.67
CA LYS A 159 2.43 -21.21 6.50
C LYS A 159 3.42 -21.45 5.33
N LEU A 160 4.56 -20.75 5.29
CA LEU A 160 5.54 -21.07 4.24
C LEU A 160 6.16 -22.44 4.40
N LEU A 161 6.52 -22.82 5.63
CA LEU A 161 7.42 -23.95 5.82
C LEU A 161 6.71 -25.22 6.23
N SER A 162 5.38 -25.14 6.41
CA SER A 162 4.61 -26.27 6.96
C SER A 162 4.83 -27.64 6.27
N ARG A 163 5.04 -27.62 4.95
CA ARG A 163 5.36 -28.87 4.22
C ARG A 163 6.86 -29.04 3.93
N GLU A 164 7.70 -28.18 4.49
CA GLU A 164 9.14 -28.28 4.28
C GLU A 164 9.86 -28.69 5.52
N LEU A 165 9.31 -28.39 6.69
CA LEU A 165 9.97 -28.82 7.96
C LEU A 165 9.29 -29.99 8.62
N LYS A 166 10.07 -30.86 9.25
CA LYS A 166 9.48 -31.85 10.13
C LYS A 166 8.86 -31.20 11.39
N GLY A 167 7.84 -31.83 11.95
CA GLY A 167 7.12 -31.28 13.11
C GLY A 167 8.03 -30.82 14.24
N PRO A 168 9.04 -31.64 14.63
CA PRO A 168 9.95 -31.14 15.70
C PRO A 168 10.78 -29.89 15.36
N GLN A 169 11.09 -29.73 14.07
CA GLN A 169 11.80 -28.58 13.54
C GLN A 169 10.83 -27.36 13.64
N MET A 170 9.59 -27.53 13.20
CA MET A 170 8.66 -26.37 13.30
C MET A 170 8.31 -26.01 14.75
N LYS A 171 8.26 -27.00 15.64
CA LYS A 171 8.06 -26.74 17.02
C LYS A 171 9.18 -25.80 17.62
N LYS A 172 10.45 -26.09 17.27
CA LYS A 172 11.62 -25.23 17.59
C LYS A 172 11.52 -23.81 16.97
N VAL A 173 11.06 -23.71 15.74
CA VAL A 173 10.67 -22.40 15.18
C VAL A 173 9.64 -21.65 16.07
N ASP A 174 8.55 -22.32 16.42
CA ASP A 174 7.55 -21.72 17.30
C ASP A 174 8.11 -21.31 18.65
N ASP A 175 9.02 -22.13 19.21
CA ASP A 175 9.66 -21.87 20.52
C ASP A 175 10.49 -20.59 20.39
N PHE A 176 11.25 -20.48 19.31
CA PHE A 176 12.05 -19.28 19.05
C PHE A 176 11.14 -18.04 19.02
N TYR A 177 10.11 -18.04 18.19
CA TYR A 177 9.17 -16.90 18.23
C TYR A 177 8.64 -16.62 19.61
N ARG A 178 8.23 -17.67 20.32
CA ARG A 178 7.59 -17.46 21.62
C ARG A 178 8.56 -16.75 22.56
N ASP A 179 9.79 -17.26 22.64
CA ASP A 179 10.82 -16.64 23.48
C ASP A 179 11.03 -15.15 23.15
N ILE A 180 11.15 -14.83 21.86
CA ILE A 180 11.25 -13.41 21.46
C ILE A 180 10.05 -12.57 21.98
N LEU A 181 8.83 -13.07 21.78
CA LEU A 181 7.61 -12.31 22.10
C LEU A 181 7.39 -12.12 23.60
N GLU A 182 7.99 -12.98 24.42
CA GLU A 182 7.88 -12.84 25.89
C GLU A 182 8.84 -11.82 26.48
N ASN A 183 9.83 -11.40 25.69
CA ASN A 183 10.79 -10.37 26.12
C ASN A 183 10.40 -8.94 25.68
N GLU A 184 9.91 -8.13 26.64
CA GLU A 184 9.36 -6.76 26.44
C GLU A 184 10.35 -5.78 25.83
N ILE A 185 11.63 -6.01 26.09
CA ILE A 185 12.69 -5.08 25.72
C ILE A 185 12.74 -4.87 24.19
N TYR A 186 12.25 -5.82 23.37
CA TYR A 186 12.23 -5.64 21.91
C TYR A 186 11.06 -4.79 21.47
N PHE A 187 10.14 -4.56 22.36
CA PHE A 187 8.87 -4.03 21.93
C PHE A 187 8.51 -2.74 22.62
N LYS A 188 9.27 -2.32 23.62
CA LYS A 188 9.00 -1.05 24.32
C LYS A 188 9.99 -0.01 23.86
N TYR A 189 9.55 0.87 22.98
CA TYR A 189 10.36 1.92 22.44
C TYR A 189 9.38 3.03 22.09
N TYR A 190 9.88 4.22 21.81
CA TYR A 190 9.03 5.31 21.35
C TYR A 190 9.17 5.41 19.84
N PRO A 191 8.09 5.15 19.09
CA PRO A 191 8.18 5.27 17.66
C PRO A 191 8.77 6.63 17.17
N CYS A 192 9.65 6.62 16.21
CA CYS A 192 9.98 7.84 15.51
C CYS A 192 10.34 7.50 14.04
N LEU A 193 10.56 8.54 13.20
CA LEU A 193 11.02 8.30 11.85
C LEU A 193 12.47 7.75 11.87
N ILE A 194 12.64 6.59 11.24
CA ILE A 194 13.93 5.90 11.14
C ILE A 194 14.29 5.68 9.68
N HIS A 195 15.56 5.67 9.38
CA HIS A 195 16.02 5.34 8.01
C HIS A 195 15.76 3.89 7.69
N ASN A 196 16.09 3.03 8.65
CA ASN A 196 15.73 1.60 8.58
C ASN A 196 16.49 0.76 7.61
N ASP A 197 17.44 1.33 6.88
CA ASP A 197 18.43 0.51 6.09
C ASP A 197 19.78 1.27 6.22
N PHE A 198 20.13 1.58 7.46
CA PHE A 198 21.19 2.56 7.71
C PHE A 198 22.51 1.84 7.86
N SER A 199 23.22 1.78 6.77
CA SER A 199 24.44 0.99 6.70
C SER A 199 25.41 1.59 5.65
N SER A 200 26.58 0.99 5.52
CA SER A 200 27.66 1.68 4.83
C SER A 200 27.43 1.98 3.36
N ASP A 201 26.71 1.09 2.69
CA ASP A 201 26.42 1.26 1.25
C ASP A 201 25.63 2.52 0.98
N HIS A 202 24.96 3.04 2.00
CA HIS A 202 24.04 4.22 1.85
C HIS A 202 24.54 5.50 2.48
N ILE A 203 25.80 5.51 2.87
CA ILE A 203 26.40 6.65 3.53
C ILE A 203 27.50 7.13 2.59
N LEU A 204 27.31 8.33 2.02
CA LEU A 204 28.22 8.75 0.96
C LEU A 204 29.34 9.59 1.52
N PHE A 205 30.53 9.39 0.98
CA PHE A 205 31.71 10.05 1.46
C PHE A 205 32.48 10.89 0.43
N ASP A 206 32.99 12.03 0.87
CA ASP A 206 33.76 12.94 0.02
C ASP A 206 35.20 12.71 0.43
N THR A 207 35.98 12.07 -0.43
CA THR A 207 37.34 11.72 -0.09
C THR A 207 38.32 12.90 -0.25
N GLU A 208 37.88 14.03 -0.81
CA GLU A 208 38.75 15.21 -0.80
C GLU A 208 38.62 15.92 0.59
N LYS A 209 37.43 16.00 1.17
CA LYS A 209 37.33 16.66 2.49
C LYS A 209 37.47 15.64 3.64
N ASN A 210 37.49 14.33 3.33
CA ASN A 210 37.32 13.25 4.34
C ASN A 210 36.15 13.48 5.31
N THR A 211 34.97 13.75 4.73
CA THR A 211 33.77 13.95 5.50
C THR A 211 32.58 13.35 4.72
N ILE A 212 31.61 12.88 5.51
CA ILE A 212 30.35 12.36 4.98
C ILE A 212 29.61 13.50 4.26
N CYS A 213 29.16 13.23 3.01
CA CYS A 213 28.47 14.23 2.23
C CYS A 213 27.08 13.80 1.78
N GLY A 214 26.54 12.73 2.37
CA GLY A 214 25.15 12.40 2.08
C GLY A 214 24.70 11.05 2.63
N ILE A 215 23.38 10.92 2.76
CA ILE A 215 22.68 9.68 3.12
C ILE A 215 21.65 9.42 2.02
N ILE A 216 21.60 8.20 1.48
CA ILE A 216 20.73 7.95 0.35
C ILE A 216 19.84 6.72 0.68
N ASP A 217 18.94 6.31 -0.25
CA ASP A 217 18.19 5.03 -0.18
C ASP A 217 17.20 5.00 0.99
N PHE A 218 16.19 5.86 0.92
CA PHE A 218 15.18 6.02 1.98
C PHE A 218 13.98 5.14 1.75
N GLY A 219 14.05 4.26 0.76
CA GLY A 219 12.96 3.33 0.44
C GLY A 219 12.38 2.47 1.57
N ASP A 220 13.20 2.12 2.58
CA ASP A 220 12.71 1.37 3.76
C ASP A 220 12.30 2.27 4.95
N ALA A 221 12.33 3.60 4.80
CA ALA A 221 12.12 4.51 5.94
C ALA A 221 10.78 4.20 6.57
N ALA A 222 10.66 4.28 7.90
CA ALA A 222 9.40 3.94 8.57
C ALA A 222 9.34 4.65 9.90
N ILE A 223 8.20 4.59 10.57
CA ILE A 223 8.13 5.09 11.93
C ILE A 223 8.23 3.86 12.83
N SER A 224 9.31 3.77 13.58
CA SER A 224 9.60 2.52 14.27
C SER A 224 10.68 2.75 15.31
N ASP A 225 11.43 1.70 15.64
CA ASP A 225 12.36 1.73 16.76
C ASP A 225 13.61 2.43 16.33
N PRO A 226 13.96 3.53 17.00
CA PRO A 226 15.15 4.22 16.56
C PRO A 226 16.42 3.36 16.64
N ASP A 227 16.45 2.38 17.56
CA ASP A 227 17.60 1.50 17.75
C ASP A 227 17.93 0.73 16.47
N ASN A 228 16.95 0.60 15.55
CA ASN A 228 17.23 -0.08 14.27
C ASN A 228 18.37 0.57 13.51
N ASP A 229 18.46 1.88 13.67
CA ASP A 229 19.40 2.67 12.90
C ASP A 229 20.82 2.50 13.44
N PHE A 230 20.99 1.98 14.67
CA PHE A 230 22.33 1.58 15.14
C PHE A 230 22.70 0.12 14.86
N ILE A 231 21.76 -0.79 15.10
CA ILE A 231 22.03 -2.22 14.91
C ILE A 231 22.45 -2.54 13.47
N SER A 232 21.96 -1.77 12.50
CA SER A 232 22.31 -1.99 11.13
C SER A 232 23.72 -1.55 10.81
N LEU A 233 24.41 -0.93 11.75
CA LEU A 233 25.80 -0.52 11.45
C LEU A 233 26.79 -1.41 12.12
N MET A 234 26.29 -2.28 13.00
CA MET A 234 27.17 -2.98 13.98
C MET A 234 27.88 -4.23 13.52
N GLU A 235 27.36 -4.90 12.51
CA GLU A 235 27.98 -6.17 12.06
C GLU A 235 29.46 -6.08 11.60
N ASP A 236 30.32 -6.99 12.08
CA ASP A 236 31.78 -6.79 12.00
C ASP A 236 32.52 -6.61 10.69
N ASP A 237 32.64 -7.62 9.84
CA ASP A 237 33.48 -7.38 8.64
C ASP A 237 32.66 -6.54 7.66
N GLU A 238 31.40 -6.93 7.53
CA GLU A 238 30.47 -6.31 6.63
C GLU A 238 30.16 -4.80 6.88
N GLU A 239 30.06 -4.39 8.13
CA GLU A 239 29.71 -3.02 8.42
C GLU A 239 30.78 -2.49 9.39
N TYR A 240 30.41 -1.58 10.30
CA TYR A 240 31.42 -0.86 11.07
C TYR A 240 31.94 -1.55 12.33
N GLY A 241 31.21 -2.43 12.98
CA GLY A 241 31.81 -2.97 14.20
C GLY A 241 31.46 -2.15 15.44
N MET A 242 31.62 -2.76 16.62
CA MET A 242 30.97 -2.20 17.80
C MET A 242 31.69 -0.94 18.28
N GLU A 243 33.01 -0.91 18.13
CA GLU A 243 33.73 0.26 18.59
C GLU A 243 33.30 1.57 17.91
N PHE A 244 33.20 1.53 16.58
CA PHE A 244 32.78 2.70 15.86
C PHE A 244 31.33 3.12 16.28
N VAL A 245 30.45 2.14 16.44
CA VAL A 245 29.02 2.45 16.72
C VAL A 245 28.95 2.92 18.16
N SER A 246 29.84 2.43 19.01
CA SER A 246 29.74 2.95 20.32
C SER A 246 30.12 4.48 20.46
N LYS A 247 30.97 4.97 19.55
CA LYS A 247 31.19 6.42 19.37
C LYS A 247 29.93 7.20 18.91
N ILE A 248 29.24 6.64 17.92
CA ILE A 248 27.92 7.17 17.45
C ILE A 248 26.96 7.22 18.65
N LEU A 249 26.89 6.11 19.39
CA LEU A 249 25.99 5.99 20.50
C LEU A 249 26.31 7.07 21.53
N ASN A 250 27.59 7.26 21.82
CA ASN A 250 27.95 8.28 22.83
C ASN A 250 27.59 9.72 22.42
N HIS A 251 27.86 10.09 21.16
CA HIS A 251 27.44 11.42 20.63
C HIS A 251 25.94 11.59 20.64
N TYR A 252 25.23 10.49 20.44
CA TYR A 252 23.79 10.52 20.38
C TYR A 252 23.21 10.61 21.74
N LYS A 253 24.03 10.38 22.76
CA LYS A 253 23.61 10.42 24.18
C LYS A 253 22.62 9.31 24.46
N HIS A 254 22.90 8.11 23.91
CA HIS A 254 22.03 6.96 24.11
C HIS A 254 22.06 6.55 25.57
N LYS A 255 20.91 6.27 26.15
CA LYS A 255 20.84 6.03 27.57
C LYS A 255 20.78 4.55 27.91
N ASP A 256 20.55 3.71 26.91
CA ASP A 256 20.40 2.30 27.20
C ASP A 256 21.15 1.43 26.23
N ILE A 257 22.47 1.58 26.21
CA ILE A 257 23.29 0.79 25.30
C ILE A 257 23.23 -0.74 25.45
N PRO A 258 23.09 -1.29 26.70
CA PRO A 258 22.94 -2.74 26.70
C PRO A 258 21.69 -3.23 26.00
N THR A 259 20.59 -2.44 25.98
CA THR A 259 19.40 -2.75 25.16
C THR A 259 19.69 -2.78 23.65
N VAL A 260 20.53 -1.88 23.14
CA VAL A 260 20.94 -1.91 21.69
C VAL A 260 21.70 -3.23 21.31
N LEU A 261 22.59 -3.67 22.21
CA LEU A 261 23.38 -4.87 22.02
C LEU A 261 22.52 -6.11 21.95
N GLU A 262 21.55 -6.21 22.88
CA GLU A 262 20.60 -7.30 22.95
C GLU A 262 19.68 -7.36 21.72
N LYS A 263 19.21 -6.18 21.25
CA LYS A 263 18.51 -6.10 19.97
C LYS A 263 19.39 -6.55 18.81
N TYR A 264 20.63 -6.09 18.75
CA TYR A 264 21.51 -6.59 17.71
C TYR A 264 21.68 -8.13 17.78
N ARG A 265 22.00 -8.67 18.97
CA ARG A 265 22.16 -10.15 19.12
C ARG A 265 20.92 -10.95 18.64
N MET A 266 19.71 -10.46 18.93
CA MET A 266 18.50 -11.11 18.43
C MET A 266 18.32 -10.93 16.89
N LYS A 267 18.48 -9.71 16.36
CA LYS A 267 18.43 -9.49 14.90
C LYS A 267 19.44 -10.44 14.16
N GLU A 268 20.55 -10.74 14.81
CA GLU A 268 21.54 -11.61 14.19
C GLU A 268 21.01 -13.05 14.10
N LYS A 269 20.42 -13.56 15.17
CA LYS A 269 19.76 -14.88 15.09
C LYS A 269 18.55 -14.89 14.11
N TYR A 270 17.80 -13.77 14.10
CA TYR A 270 16.60 -13.59 13.28
C TYR A 270 16.81 -13.62 11.74
N TRP A 271 18.06 -13.47 11.31
CA TRP A 271 18.37 -13.36 9.87
C TRP A 271 17.87 -14.51 8.96
N SER A 272 18.00 -15.76 9.43
CA SER A 272 17.56 -16.94 8.68
C SER A 272 16.09 -16.82 8.35
N PHE A 273 15.29 -16.47 9.34
CA PHE A 273 13.88 -16.25 9.13
C PHE A 273 13.57 -15.15 8.16
N GLU A 274 14.30 -14.04 8.24
CA GLU A 274 14.04 -12.95 7.31
C GLU A 274 14.37 -13.37 5.90
N LYS A 275 15.46 -14.15 5.76
CA LYS A 275 15.87 -14.66 4.44
C LYS A 275 14.76 -15.44 3.78
N ILE A 276 14.10 -16.30 4.56
CA ILE A 276 12.95 -17.08 4.07
C ILE A 276 11.80 -16.16 3.58
N ILE A 277 11.35 -15.23 4.43
CA ILE A 277 10.26 -14.31 4.12
C ILE A 277 10.63 -13.31 3.03
N TYR A 278 11.67 -12.52 3.27
CA TYR A 278 12.15 -11.53 2.27
C TYR A 278 12.41 -12.27 0.98
N GLY A 279 13.00 -13.46 1.08
CA GLY A 279 13.12 -14.37 -0.05
C GLY A 279 11.87 -14.37 -0.91
N LYS A 280 10.74 -14.87 -0.36
CA LYS A 280 9.46 -15.03 -1.08
C LYS A 280 8.73 -13.71 -1.47
N GLU A 281 8.62 -12.80 -0.50
CA GLU A 281 8.01 -11.49 -0.72
C GLU A 281 8.74 -10.70 -1.81
N TYR A 282 10.05 -10.93 -1.95
CA TYR A 282 10.82 -10.39 -3.06
C TYR A 282 11.09 -11.44 -4.17
N GLY A 283 10.55 -12.66 -4.05
CA GLY A 283 10.83 -13.74 -5.02
C GLY A 283 12.31 -14.00 -5.35
N TYR A 284 13.23 -13.66 -4.44
CA TYR A 284 14.64 -14.10 -4.52
C TYR A 284 14.78 -15.48 -3.89
N MET A 285 14.87 -16.51 -4.71
CA MET A 285 14.88 -17.86 -4.20
C MET A 285 16.17 -18.40 -3.56
N ASP A 286 17.33 -17.89 -3.98
CA ASP A 286 18.62 -18.25 -3.37
C ASP A 286 18.65 -17.93 -1.85
N TRP A 287 18.08 -16.78 -1.48
CA TRP A 287 17.86 -16.42 -0.07
C TRP A 287 16.96 -17.39 0.61
N TYR A 288 15.82 -17.66 0.01
CA TYR A 288 14.92 -18.64 0.59
C TYR A 288 15.65 -19.98 0.90
N GLU A 289 16.43 -20.47 -0.05
CA GLU A 289 17.05 -21.81 0.11
C GLU A 289 18.03 -21.78 1.26
N GLU A 290 18.61 -20.60 1.46
CA GLU A 290 19.73 -20.43 2.36
C GLU A 290 19.20 -20.41 3.78
N GLY A 291 18.18 -19.58 4.03
CA GLY A 291 17.56 -19.51 5.34
C GLY A 291 17.00 -20.84 5.76
N LEU A 292 16.44 -21.58 4.81
CA LEU A 292 15.82 -22.86 5.11
C LEU A 292 16.89 -23.91 5.52
N ASN A 293 17.95 -24.02 4.72
CA ASN A 293 19.11 -24.84 5.05
C ASN A 293 19.61 -24.48 6.47
N GLU A 294 19.78 -23.19 6.76
CA GLU A 294 20.17 -22.74 8.10
C GLU A 294 19.23 -23.25 9.18
N ILE A 295 17.94 -23.11 8.94
CA ILE A 295 16.93 -23.44 9.94
C ILE A 295 16.95 -24.90 10.36
N ARG A 296 17.19 -25.78 9.38
CA ARG A 296 17.41 -27.22 9.61
C ARG A 296 18.65 -27.61 10.44
N MET B 1 -3.80 -6.44 -17.21
CA MET B 1 -4.68 -7.42 -16.51
C MET B 1 -4.18 -8.79 -16.87
N ARG B 2 -4.06 -9.66 -15.88
CA ARG B 2 -3.86 -11.05 -16.16
C ARG B 2 -5.15 -11.85 -15.89
N THR B 3 -5.19 -13.03 -16.50
CA THR B 3 -6.26 -13.98 -16.28
C THR B 3 -5.60 -15.25 -15.80
N TYR B 4 -6.40 -16.24 -15.34
CA TYR B 4 -5.87 -17.47 -14.74
C TYR B 4 -6.56 -18.65 -15.46
N THR B 5 -5.84 -19.74 -15.70
CA THR B 5 -6.50 -20.99 -16.09
C THR B 5 -7.12 -21.61 -14.82
N PHE B 6 -8.11 -22.51 -14.95
CA PHE B 6 -8.58 -23.23 -13.75
C PHE B 6 -7.41 -24.05 -13.17
N ASP B 7 -6.53 -24.59 -14.04
CA ASP B 7 -5.35 -25.31 -13.54
C ASP B 7 -4.49 -24.47 -12.53
N GLN B 8 -4.10 -23.26 -12.93
CA GLN B 8 -3.36 -22.33 -12.01
C GLN B 8 -4.11 -22.11 -10.72
N VAL B 9 -5.40 -21.88 -10.81
CA VAL B 9 -6.11 -21.52 -9.62
C VAL B 9 -6.03 -22.70 -8.63
N GLU B 10 -6.31 -23.90 -9.15
CA GLU B 10 -6.23 -25.09 -8.26
C GLU B 10 -4.80 -25.34 -7.73
N LYS B 11 -3.77 -25.17 -8.57
CA LYS B 11 -2.38 -25.29 -8.11
C LYS B 11 -2.02 -24.29 -7.03
N ALA B 12 -2.51 -23.04 -7.18
CA ALA B 12 -2.20 -21.98 -6.20
C ALA B 12 -2.76 -22.33 -4.83
N ILE B 13 -3.98 -22.84 -4.84
CA ILE B 13 -4.68 -23.21 -3.61
C ILE B 13 -4.08 -24.50 -3.01
N GLU B 14 -3.73 -25.45 -3.87
CA GLU B 14 -3.08 -26.70 -3.41
C GLU B 14 -1.80 -26.40 -2.65
N GLN B 15 -0.90 -25.56 -3.19
CA GLN B 15 0.36 -25.25 -2.47
C GLN B 15 0.16 -24.92 -0.98
N LEU B 16 -0.83 -24.09 -0.66
CA LEU B 16 -1.05 -23.57 0.70
C LEU B 16 -2.05 -24.37 1.50
N TYR B 17 -2.99 -25.04 0.80
CA TYR B 17 -3.99 -25.88 1.44
C TYR B 17 -4.06 -27.31 0.82
N PRO B 18 -3.02 -28.16 1.07
CA PRO B 18 -2.98 -29.37 0.30
C PRO B 18 -4.14 -30.35 0.60
N ASP B 19 -4.79 -30.22 1.75
CA ASP B 19 -5.85 -31.18 2.14
C ASP B 19 -7.22 -30.76 1.66
N PHE B 20 -7.33 -29.56 1.08
CA PHE B 20 -8.64 -29.03 0.66
C PHE B 20 -8.92 -29.58 -0.76
N THR B 21 -9.85 -30.52 -0.85
CA THR B 21 -10.23 -31.13 -2.13
C THR B 21 -11.13 -30.23 -2.96
N ILE B 22 -10.72 -30.00 -4.18
CA ILE B 22 -11.52 -29.18 -5.08
C ILE B 22 -12.22 -30.07 -6.01
N ASN B 23 -13.54 -29.99 -5.98
CA ASN B 23 -14.30 -30.83 -6.90
C ASN B 23 -14.84 -30.03 -8.07
N THR B 24 -15.31 -28.81 -7.80
CA THR B 24 -15.84 -27.97 -8.85
C THR B 24 -15.22 -26.60 -8.79
N ILE B 25 -15.07 -25.97 -9.97
CA ILE B 25 -14.51 -24.61 -10.04
C ILE B 25 -15.09 -23.90 -11.25
N GLU B 26 -15.71 -22.76 -11.01
CA GLU B 26 -16.22 -22.00 -12.16
C GLU B 26 -16.06 -20.53 -11.89
N ILE B 27 -16.16 -19.72 -12.93
CA ILE B 27 -16.06 -18.29 -12.73
C ILE B 27 -17.36 -17.79 -12.09
N SER B 28 -17.28 -17.13 -10.95
CA SER B 28 -18.44 -16.51 -10.35
C SER B 28 -18.72 -15.14 -10.90
N GLY B 29 -17.67 -14.34 -11.07
CA GLY B 29 -17.88 -12.96 -11.62
C GLY B 29 -16.53 -12.25 -11.60
N GLU B 30 -16.55 -10.94 -11.77
CA GLU B 30 -15.32 -10.16 -11.96
C GLU B 30 -15.59 -8.75 -11.60
N GLY B 31 -14.63 -8.09 -10.98
CA GLY B 31 -14.72 -6.62 -10.74
C GLY B 31 -13.48 -6.01 -11.38
N ASN B 32 -13.19 -4.76 -11.02
CA ASN B 32 -12.00 -4.03 -11.44
C ASN B 32 -10.67 -4.69 -11.00
N ASP B 33 -10.70 -5.20 -9.78
CA ASP B 33 -9.54 -5.73 -9.05
C ASP B 33 -9.26 -7.26 -9.21
N CYS B 34 -10.31 -8.07 -9.14
CA CYS B 34 -10.13 -9.52 -9.07
C CYS B 34 -11.14 -10.25 -9.96
N ILE B 35 -10.75 -11.45 -10.40
CA ILE B 35 -11.68 -12.48 -10.88
C ILE B 35 -12.12 -13.37 -9.65
N ALA B 36 -13.43 -13.66 -9.54
CA ALA B 36 -14.00 -14.44 -8.45
C ALA B 36 -14.36 -15.81 -9.02
N TYR B 37 -13.80 -16.86 -8.37
CA TYR B 37 -14.03 -18.24 -8.72
C TYR B 37 -14.84 -18.90 -7.65
N GLU B 38 -15.91 -19.58 -8.08
CA GLU B 38 -16.74 -20.38 -7.16
C GLU B 38 -16.20 -21.83 -7.08
N ILE B 39 -15.88 -22.24 -5.86
CA ILE B 39 -15.24 -23.52 -5.60
C ILE B 39 -16.15 -24.40 -4.67
N ASN B 40 -16.46 -25.58 -5.16
CA ASN B 40 -17.26 -26.56 -4.43
C ASN B 40 -18.64 -25.97 -4.05
N ARG B 41 -19.09 -24.96 -4.80
CA ARG B 41 -20.36 -24.26 -4.54
C ARG B 41 -20.47 -23.62 -3.15
N ASP B 42 -19.39 -23.68 -2.37
CA ASP B 42 -19.34 -23.18 -1.00
C ASP B 42 -18.47 -21.94 -0.79
N PHE B 43 -17.53 -21.71 -1.69
CA PHE B 43 -16.51 -20.69 -1.46
C PHE B 43 -16.34 -19.82 -2.66
N ILE B 44 -15.96 -18.59 -2.36
CA ILE B 44 -15.51 -17.68 -3.43
C ILE B 44 -14.05 -17.41 -3.19
N PHE B 45 -13.21 -17.83 -4.14
CA PHE B 45 -11.83 -17.40 -4.15
C PHE B 45 -11.57 -16.23 -5.20
N LYS B 46 -11.06 -15.08 -4.74
CA LYS B 46 -10.68 -13.97 -5.60
C LYS B 46 -9.18 -14.01 -5.90
N PHE B 47 -8.84 -13.83 -7.17
CA PHE B 47 -7.48 -13.80 -7.65
C PHE B 47 -7.26 -12.45 -8.31
N PRO B 48 -6.16 -11.77 -7.99
CA PRO B 48 -6.03 -10.39 -8.45
C PRO B 48 -5.70 -10.33 -9.93
N LYS B 49 -6.25 -9.35 -10.63
CA LYS B 49 -5.89 -9.18 -12.02
C LYS B 49 -4.59 -8.41 -12.25
N HIS B 50 -4.11 -7.71 -11.21
CA HIS B 50 -2.90 -6.92 -11.27
C HIS B 50 -2.54 -6.48 -9.88
N SER B 51 -1.41 -5.77 -9.74
CA SER B 51 -0.89 -5.41 -8.42
CA SER B 51 -0.90 -5.41 -8.43
C SER B 51 -1.84 -4.49 -7.69
N ARG B 52 -2.38 -3.50 -8.37
CA ARG B 52 -3.36 -2.59 -7.69
C ARG B 52 -4.50 -3.41 -7.15
N GLY B 53 -4.98 -4.33 -7.98
CA GLY B 53 -6.06 -5.21 -7.60
C GLY B 53 -5.75 -5.98 -6.30
N SER B 54 -4.51 -6.51 -6.24
CA SER B 54 -4.06 -7.27 -5.08
CA SER B 54 -4.02 -7.27 -5.08
C SER B 54 -4.08 -6.50 -3.74
N THR B 55 -3.83 -5.20 -3.78
CA THR B 55 -3.81 -4.32 -2.58
C THR B 55 -5.24 -4.13 -2.07
N ASN B 56 -6.19 -3.86 -2.97
CA ASN B 56 -7.63 -3.90 -2.61
C ASN B 56 -8.08 -5.22 -2.02
N LEU B 57 -7.54 -6.33 -2.54
CA LEU B 57 -7.89 -7.66 -2.02
C LEU B 57 -7.33 -7.86 -0.59
N PHE B 58 -6.07 -7.44 -0.36
CA PHE B 58 -5.47 -7.44 0.94
C PHE B 58 -6.36 -6.56 1.90
N ASN B 59 -6.81 -5.44 1.41
CA ASN B 59 -7.64 -4.60 2.27
C ASN B 59 -8.99 -5.27 2.58
N GLU B 60 -9.63 -5.82 1.55
CA GLU B 60 -10.93 -6.44 1.72
C GLU B 60 -10.80 -7.53 2.81
N VAL B 61 -9.76 -8.36 2.70
CA VAL B 61 -9.44 -9.37 3.77
C VAL B 61 -9.36 -8.72 5.15
N ASN B 62 -8.59 -7.66 5.26
CA ASN B 62 -8.35 -7.11 6.58
CA ASN B 62 -8.34 -7.03 6.55
C ASN B 62 -9.66 -6.49 7.07
N ILE B 63 -10.38 -5.78 6.21
CA ILE B 63 -11.65 -5.21 6.65
C ILE B 63 -12.68 -6.29 7.03
N LEU B 64 -12.77 -7.37 6.27
CA LEU B 64 -13.78 -8.39 6.51
C LEU B 64 -13.55 -9.02 7.89
N LYS B 65 -12.29 -9.31 8.19
CA LYS B 65 -11.97 -9.80 9.54
C LYS B 65 -12.36 -8.90 10.67
N ARG B 66 -12.12 -7.58 10.55
CA ARG B 66 -12.37 -6.64 11.64
C ARG B 66 -13.87 -6.40 11.87
N ILE B 67 -14.71 -6.57 10.86
CA ILE B 67 -16.18 -6.34 11.00
C ILE B 67 -17.06 -7.63 11.07
N HIS B 68 -16.40 -8.77 10.99
CA HIS B 68 -17.03 -10.04 11.06
C HIS B 68 -17.95 -10.12 12.24
N ASN B 69 -19.18 -10.61 12.07
CA ASN B 69 -20.09 -10.80 13.22
C ASN B 69 -20.50 -9.51 13.92
N LYS B 70 -20.31 -8.36 13.28
CA LYS B 70 -20.81 -7.12 13.88
C LYS B 70 -21.98 -6.48 13.17
N LEU B 71 -22.30 -6.99 11.97
CA LEU B 71 -23.24 -6.29 11.06
C LEU B 71 -24.55 -7.08 10.94
N PRO B 72 -25.67 -6.39 10.62
CA PRO B 72 -26.89 -7.16 10.69
C PRO B 72 -27.30 -7.85 9.34
N LEU B 73 -26.44 -7.89 8.29
CA LEU B 73 -26.62 -8.74 7.12
C LEU B 73 -25.38 -9.59 7.03
N PRO B 74 -25.49 -10.81 6.39
CA PRO B 74 -24.31 -11.68 6.11
C PRO B 74 -23.32 -10.94 5.21
N ILE B 75 -22.02 -11.18 5.44
CA ILE B 75 -20.97 -10.67 4.60
C ILE B 75 -19.96 -11.86 4.40
N PRO B 76 -19.11 -11.80 3.37
CA PRO B 76 -18.14 -12.94 3.26
C PRO B 76 -17.28 -13.11 4.53
N GLU B 77 -16.98 -14.35 4.88
CA GLU B 77 -16.12 -14.58 5.96
C GLU B 77 -14.78 -15.09 5.39
N VAL B 78 -13.64 -14.62 5.88
CA VAL B 78 -12.32 -15.01 5.30
C VAL B 78 -11.98 -16.42 5.83
N VAL B 79 -11.67 -17.33 4.93
CA VAL B 79 -11.35 -18.71 5.29
C VAL B 79 -9.98 -19.10 4.81
N PHE B 80 -9.59 -18.59 3.64
CA PHE B 80 -8.29 -18.95 3.02
C PHE B 80 -7.64 -17.67 2.58
N THR B 81 -6.33 -17.57 2.73
CA THR B 81 -5.56 -16.44 2.22
C THR B 81 -4.29 -16.98 1.50
N GLY B 82 -3.86 -16.29 0.42
CA GLY B 82 -2.59 -16.62 -0.28
C GLY B 82 -1.45 -15.85 0.34
N MET B 83 -0.43 -15.50 -0.42
CA MET B 83 0.80 -15.00 0.17
C MET B 83 1.25 -13.79 -0.62
N PRO B 84 2.08 -12.88 -0.01
CA PRO B 84 2.60 -11.76 -0.77
C PRO B 84 3.68 -12.26 -1.73
N SER B 85 3.85 -11.56 -2.85
CA SER B 85 5.02 -11.79 -3.75
C SER B 85 5.58 -10.41 -4.15
N GLU B 86 6.40 -10.37 -5.19
CA GLU B 86 6.99 -9.10 -5.63
C GLU B 86 6.00 -8.30 -6.46
N THR B 87 4.93 -8.95 -6.88
CA THR B 87 3.84 -8.41 -7.71
C THR B 87 2.55 -8.21 -6.90
N TYR B 88 2.24 -9.21 -6.09
CA TYR B 88 1.03 -9.13 -5.28
C TYR B 88 1.20 -8.98 -3.79
N GLN B 89 0.40 -8.07 -3.21
CA GLN B 89 0.31 -8.03 -1.77
C GLN B 89 -0.33 -9.28 -1.22
N MET B 90 -1.29 -9.84 -2.00
CA MET B 90 -1.92 -11.09 -1.63
CA MET B 90 -2.04 -11.03 -1.61
C MET B 90 -2.35 -11.83 -2.88
N SER B 91 -1.79 -13.03 -3.05
CA SER B 91 -2.01 -13.77 -4.31
C SER B 91 -3.42 -14.33 -4.57
N PHE B 92 -4.21 -14.50 -3.52
CA PHE B 92 -5.67 -14.84 -3.62
C PHE B 92 -6.30 -14.83 -2.23
N ALA B 93 -7.62 -14.86 -2.13
CA ALA B 93 -8.21 -15.09 -0.82
C ALA B 93 -9.44 -15.86 -1.08
N GLY B 94 -9.84 -16.71 -0.14
CA GLY B 94 -11.06 -17.48 -0.28
C GLY B 94 -12.06 -17.14 0.81
N PHE B 95 -13.31 -16.85 0.44
CA PHE B 95 -14.33 -16.46 1.40
C PHE B 95 -15.48 -17.47 1.34
N THR B 96 -16.32 -17.54 2.38
CA THR B 96 -17.61 -18.23 2.30
C THR B 96 -18.46 -17.53 1.28
N LYS B 97 -19.18 -18.30 0.47
CA LYS B 97 -20.01 -17.75 -0.60
C LYS B 97 -21.32 -17.21 -0.03
N ILE B 98 -21.73 -16.04 -0.44
CA ILE B 98 -23.10 -15.62 -0.18
C ILE B 98 -24.00 -15.99 -1.36
N LYS B 99 -25.07 -16.72 -1.05
CA LYS B 99 -25.94 -17.33 -2.05
C LYS B 99 -27.09 -16.40 -2.24
N GLY B 100 -27.30 -15.95 -3.45
CA GLY B 100 -28.36 -15.02 -3.75
C GLY B 100 -28.04 -14.45 -5.12
N VAL B 101 -28.89 -13.54 -5.57
CA VAL B 101 -28.81 -12.85 -6.88
C VAL B 101 -28.83 -11.31 -6.64
N PRO B 102 -28.26 -10.54 -7.57
CA PRO B 102 -28.22 -9.11 -7.28
C PRO B 102 -29.62 -8.51 -7.17
N LEU B 103 -29.84 -7.61 -6.24
CA LEU B 103 -31.13 -7.01 -6.12
C LEU B 103 -31.19 -5.90 -7.18
N THR B 104 -31.35 -6.27 -8.46
CA THR B 104 -31.40 -5.28 -9.56
C THR B 104 -32.60 -4.36 -9.33
N PRO B 105 -32.55 -3.15 -9.89
CA PRO B 105 -33.72 -2.28 -9.80
C PRO B 105 -34.94 -2.95 -10.38
N LEU B 106 -34.79 -3.71 -11.45
CA LEU B 106 -35.96 -4.43 -12.03
C LEU B 106 -36.52 -5.37 -10.96
N LEU B 107 -35.65 -6.21 -10.36
CA LEU B 107 -36.11 -7.15 -9.33
C LEU B 107 -36.84 -6.45 -8.20
N LEU B 108 -36.24 -5.39 -7.68
CA LEU B 108 -36.77 -4.69 -6.54
C LEU B 108 -38.15 -4.14 -6.87
N ASN B 109 -38.26 -3.63 -8.08
CA ASN B 109 -39.44 -2.95 -8.46
C ASN B 109 -40.62 -3.91 -8.71
N ASN B 110 -40.35 -5.18 -8.93
CA ASN B 110 -41.38 -6.20 -9.03
C ASN B 110 -41.80 -6.85 -7.70
N LEU B 111 -41.05 -6.62 -6.63
CA LEU B 111 -41.42 -7.09 -5.28
C LEU B 111 -42.69 -6.39 -4.79
N PRO B 112 -43.48 -7.10 -3.95
CA PRO B 112 -44.59 -6.49 -3.25
C PRO B 112 -44.04 -5.34 -2.39
N LYS B 113 -44.90 -4.37 -2.05
CA LYS B 113 -44.45 -3.15 -1.36
C LYS B 113 -43.91 -3.53 0.02
N GLN B 114 -44.51 -4.51 0.67
CA GLN B 114 -44.03 -4.86 2.02
C GLN B 114 -42.55 -5.33 1.97
N SER B 115 -42.15 -6.13 0.97
CA SER B 115 -40.76 -6.56 0.88
C SER B 115 -39.84 -5.43 0.43
N GLN B 116 -40.33 -4.60 -0.46
CA GLN B 116 -39.60 -3.35 -0.86
C GLN B 116 -39.25 -2.48 0.34
N ASN B 117 -40.26 -2.18 1.18
CA ASN B 117 -40.06 -1.45 2.41
C ASN B 117 -39.07 -2.14 3.32
N GLN B 118 -39.20 -3.47 3.49
CA GLN B 118 -38.29 -4.21 4.35
C GLN B 118 -36.84 -4.20 3.81
N ALA B 119 -36.67 -4.22 2.48
CA ALA B 119 -35.37 -4.14 1.87
C ALA B 119 -34.74 -2.73 2.18
N ALA B 120 -35.54 -1.65 2.07
CA ALA B 120 -35.10 -0.28 2.40
C ALA B 120 -34.67 -0.26 3.89
N LYS B 121 -35.49 -0.86 4.74
CA LYS B 121 -35.15 -0.88 6.17
C LYS B 121 -33.87 -1.71 6.46
N ASP B 122 -33.67 -2.80 5.72
CA ASP B 122 -32.58 -3.70 6.02
C ASP B 122 -31.28 -3.00 5.54
N LEU B 123 -31.34 -2.33 4.43
CA LEU B 123 -30.18 -1.59 3.96
C LEU B 123 -29.82 -0.45 4.92
N ALA B 124 -30.82 0.27 5.44
CA ALA B 124 -30.51 1.34 6.39
C ALA B 124 -29.88 0.83 7.69
N ARG B 125 -30.43 -0.22 8.31
CA ARG B 125 -29.85 -0.84 9.51
C ARG B 125 -28.44 -1.36 9.18
N PHE B 126 -28.28 -1.95 8.00
CA PHE B 126 -26.90 -2.33 7.63
C PHE B 126 -25.94 -1.14 7.63
N LEU B 127 -26.33 -0.05 6.92
CA LEU B 127 -25.42 1.12 6.81
C LEU B 127 -25.20 1.81 8.15
N SER B 128 -26.26 1.83 8.95
CA SER B 128 -26.19 2.48 10.22
C SER B 128 -25.14 1.77 11.11
N GLU B 129 -25.20 0.42 11.20
CA GLU B 129 -24.22 -0.36 11.96
C GLU B 129 -22.80 -0.23 11.33
N LEU B 130 -22.70 -0.27 10.00
CA LEU B 130 -21.38 -0.18 9.34
C LEU B 130 -20.67 1.12 9.61
N HIS B 131 -21.40 2.20 9.42
CA HIS B 131 -20.92 3.53 9.70
C HIS B 131 -20.72 3.78 11.19
N SER B 132 -21.15 2.87 12.08
CA SER B 132 -20.83 3.07 13.50
C SER B 132 -19.56 2.28 13.97
N ILE B 133 -19.02 1.44 13.08
CA ILE B 133 -17.78 0.72 13.42
C ILE B 133 -16.63 1.63 13.91
N ASN B 134 -16.08 1.28 15.09
CA ASN B 134 -14.91 1.99 15.63
C ASN B 134 -13.72 1.99 14.64
N ILE B 135 -13.36 3.19 14.22
CA ILE B 135 -12.32 3.44 13.21
C ILE B 135 -10.88 3.53 13.76
N SER B 136 -10.67 3.53 15.07
CA SER B 136 -9.32 3.38 15.68
C SER B 136 -8.28 2.51 14.92
N GLY B 137 -8.48 1.22 14.77
CA GLY B 137 -7.40 0.41 14.09
C GLY B 137 -6.97 0.84 12.67
N PHE B 138 -7.82 1.57 11.98
CA PHE B 138 -7.65 1.66 10.55
C PHE B 138 -6.57 2.67 10.17
N LYS B 139 -5.46 2.19 9.65
CA LYS B 139 -4.36 3.09 9.28
C LYS B 139 -4.64 3.85 7.94
N SER B 140 -3.82 4.88 7.69
CA SER B 140 -4.06 5.89 6.65
C SER B 140 -4.30 5.28 5.28
N ASN B 141 -3.64 4.15 5.03
CA ASN B 141 -3.91 3.35 3.84
C ASN B 141 -5.41 3.00 3.63
N LEU B 142 -6.23 3.03 4.70
CA LEU B 142 -7.70 2.80 4.60
C LEU B 142 -8.50 4.12 4.74
N VAL B 143 -7.80 5.23 4.89
CA VAL B 143 -8.45 6.49 5.24
C VAL B 143 -8.50 7.27 3.92
N LEU B 144 -9.67 7.76 3.54
CA LEU B 144 -9.74 8.41 2.26
C LEU B 144 -10.29 9.78 2.59
N ASP B 145 -9.40 10.68 2.99
CA ASP B 145 -9.81 12.05 3.29
C ASP B 145 -10.28 12.70 2.02
N PHE B 146 -11.55 13.11 1.98
CA PHE B 146 -12.05 13.62 0.67
C PHE B 146 -11.28 14.81 0.10
N ARG B 147 -10.93 15.76 0.96
CA ARG B 147 -10.25 16.94 0.50
C ARG B 147 -8.83 16.59 0.00
N GLU B 148 -8.09 15.70 0.68
CA GLU B 148 -6.82 15.24 0.10
C GLU B 148 -7.02 14.53 -1.26
N LYS B 149 -8.07 13.72 -1.37
CA LYS B 149 -8.34 13.03 -2.63
C LYS B 149 -8.58 14.07 -3.77
N ILE B 150 -9.34 15.11 -3.49
CA ILE B 150 -9.64 16.09 -4.52
C ILE B 150 -8.36 16.88 -4.94
N ASN B 151 -7.60 17.36 -3.96
CA ASN B 151 -6.28 17.95 -4.24
C ASN B 151 -5.38 16.96 -4.99
N GLU B 152 -5.30 15.72 -4.53
CA GLU B 152 -4.44 14.77 -5.26
C GLU B 152 -4.90 14.47 -6.72
N ASP B 153 -6.19 14.31 -6.90
CA ASP B 153 -6.77 14.12 -8.24
C ASP B 153 -6.44 15.36 -9.11
N ASN B 154 -6.51 16.54 -8.51
CA ASN B 154 -6.29 17.78 -9.28
C ASN B 154 -4.90 17.68 -9.90
N LYS B 155 -3.92 17.33 -9.07
CA LYS B 155 -2.56 17.13 -9.56
C LYS B 155 -2.39 15.97 -10.54
N LYS B 156 -3.05 14.83 -10.31
CA LYS B 156 -2.93 13.73 -11.28
C LYS B 156 -3.49 14.15 -12.66
N ILE B 157 -4.64 14.83 -12.66
CA ILE B 157 -5.23 15.30 -13.91
C ILE B 157 -4.27 16.25 -14.65
N LYS B 158 -3.63 17.18 -13.92
CA LYS B 158 -2.67 18.10 -14.52
C LYS B 158 -1.44 17.37 -15.03
N LYS B 159 -0.94 16.41 -14.27
CA LYS B 159 0.23 15.68 -14.75
C LYS B 159 -0.15 14.84 -16.00
N LEU B 160 -1.34 14.22 -16.03
CA LEU B 160 -1.74 13.43 -17.18
C LEU B 160 -2.11 14.23 -18.42
N LEU B 161 -2.81 15.36 -18.22
CA LEU B 161 -3.42 16.06 -19.34
C LEU B 161 -2.73 17.36 -19.78
N SER B 162 -1.72 17.82 -19.04
CA SER B 162 -1.08 19.09 -19.41
C SER B 162 -0.68 19.13 -20.90
N ARG B 163 -0.28 18.00 -21.47
CA ARG B 163 0.03 17.98 -22.92
C ARG B 163 -1.16 17.62 -23.82
N GLU B 164 -2.32 17.38 -23.21
CA GLU B 164 -3.47 16.88 -23.93
C GLU B 164 -4.55 17.94 -24.06
N LEU B 165 -4.44 19.05 -23.32
CA LEU B 165 -5.51 20.07 -23.29
C LEU B 165 -4.97 21.43 -23.76
N LYS B 166 -5.84 22.25 -24.34
CA LYS B 166 -5.50 23.64 -24.60
C LYS B 166 -5.72 24.49 -23.33
N GLY B 167 -5.11 25.66 -23.32
CA GLY B 167 -5.11 26.56 -22.13
C GLY B 167 -6.49 26.72 -21.49
N PRO B 168 -7.49 27.22 -22.24
CA PRO B 168 -8.85 27.49 -21.71
C PRO B 168 -9.50 26.18 -21.24
N GLN B 169 -9.13 25.04 -21.85
CA GLN B 169 -9.70 23.77 -21.38
C GLN B 169 -9.11 23.43 -19.99
N MET B 170 -7.82 23.63 -19.77
CA MET B 170 -7.24 23.38 -18.44
C MET B 170 -7.76 24.47 -17.45
N LYS B 171 -7.98 25.67 -17.93
CA LYS B 171 -8.61 26.67 -17.05
C LYS B 171 -10.00 26.19 -16.53
N LYS B 172 -10.80 25.61 -17.42
CA LYS B 172 -12.10 25.06 -17.02
C LYS B 172 -11.90 23.96 -15.99
N VAL B 173 -10.91 23.10 -16.18
CA VAL B 173 -10.58 22.02 -15.22
C VAL B 173 -10.26 22.60 -13.84
N ASP B 174 -9.36 23.58 -13.83
CA ASP B 174 -9.01 24.24 -12.60
C ASP B 174 -10.18 25.03 -11.92
N ASP B 175 -11.02 25.72 -12.70
CA ASP B 175 -12.18 26.39 -12.07
C ASP B 175 -13.11 25.36 -11.46
N PHE B 176 -13.32 24.24 -12.14
CA PHE B 176 -14.10 23.17 -11.56
C PHE B 176 -13.54 22.73 -10.21
N TYR B 177 -12.24 22.46 -10.16
CA TYR B 177 -11.64 22.00 -8.90
C TYR B 177 -11.66 23.04 -7.79
N ARG B 178 -11.45 24.30 -8.14
CA ARG B 178 -11.60 25.38 -7.22
C ARG B 178 -13.07 25.47 -6.67
N ASP B 179 -14.08 25.27 -7.53
CA ASP B 179 -15.48 25.35 -7.07
C ASP B 179 -15.73 24.21 -6.09
N ILE B 180 -15.25 23.01 -6.40
CA ILE B 180 -15.39 21.91 -5.44
C ILE B 180 -14.76 22.27 -4.09
N LEU B 181 -13.46 22.56 -4.13
CA LEU B 181 -12.63 22.78 -2.94
C LEU B 181 -13.10 23.87 -2.01
N GLU B 182 -13.79 24.85 -2.57
CA GLU B 182 -14.30 26.02 -1.81
C GLU B 182 -15.69 25.76 -1.24
N ASN B 183 -16.29 24.61 -1.56
CA ASN B 183 -17.58 24.32 -0.98
C ASN B 183 -17.40 23.42 0.26
N GLU B 184 -17.62 23.97 1.44
CA GLU B 184 -17.35 23.25 2.69
C GLU B 184 -18.16 21.97 2.92
N ILE B 185 -19.34 21.97 2.34
CA ILE B 185 -20.26 20.86 2.39
C ILE B 185 -19.62 19.50 2.07
N TYR B 186 -18.64 19.45 1.16
CA TYR B 186 -18.00 18.16 0.78
C TYR B 186 -17.01 17.60 1.78
N PHE B 187 -16.59 18.43 2.71
CA PHE B 187 -15.43 18.08 3.54
C PHE B 187 -15.71 18.04 5.05
N LYS B 188 -16.90 18.41 5.48
CA LYS B 188 -17.21 18.56 6.92
C LYS B 188 -17.78 17.28 7.59
N TYR B 189 -17.93 16.19 6.84
CA TYR B 189 -18.46 14.90 7.33
C TYR B 189 -17.67 14.34 8.51
N TYR B 190 -18.29 13.47 9.31
CA TYR B 190 -17.55 12.75 10.35
C TYR B 190 -17.01 11.48 9.74
N PRO B 191 -15.70 11.29 9.73
CA PRO B 191 -15.23 10.08 9.04
C PRO B 191 -15.73 8.77 9.64
N CYS B 192 -16.05 7.79 8.81
N CYS B 192 -16.20 7.85 8.79
CA CYS B 192 -16.46 6.50 9.33
CA CYS B 192 -16.79 6.56 9.21
C CYS B 192 -16.19 5.43 8.27
C CYS B 192 -16.27 5.44 8.26
N LEU B 193 -16.23 4.18 8.69
CA LEU B 193 -16.02 3.08 7.72
C LEU B 193 -17.20 3.09 6.72
N ILE B 194 -16.90 3.07 5.43
CA ILE B 194 -17.91 2.98 4.40
C ILE B 194 -17.59 1.82 3.42
N HIS B 195 -18.65 1.31 2.78
CA HIS B 195 -18.55 0.23 1.82
C HIS B 195 -17.85 0.76 0.62
N ASN B 196 -18.33 1.94 0.20
CA ASN B 196 -17.76 2.67 -0.90
C ASN B 196 -17.95 2.07 -2.32
N ASP B 197 -18.64 0.94 -2.46
CA ASP B 197 -19.10 0.52 -3.79
C ASP B 197 -20.52 -0.02 -3.62
N PHE B 198 -21.36 0.78 -2.94
CA PHE B 198 -22.60 0.26 -2.39
C PHE B 198 -23.73 0.44 -3.40
N SER B 199 -23.89 -0.58 -4.25
CA SER B 199 -24.88 -0.53 -5.33
C SER B 199 -25.48 -1.94 -5.55
N SER B 200 -26.45 -2.02 -6.44
CA SER B 200 -27.27 -3.23 -6.56
C SER B 200 -26.52 -4.50 -6.96
N ASP B 201 -25.48 -4.37 -7.76
CA ASP B 201 -24.56 -5.48 -8.06
C ASP B 201 -23.94 -6.18 -6.85
N HIS B 202 -23.92 -5.49 -5.71
CA HIS B 202 -23.18 -6.02 -4.53
C HIS B 202 -24.10 -6.27 -3.37
N ILE B 203 -25.38 -6.16 -3.62
CA ILE B 203 -26.46 -6.41 -2.65
C ILE B 203 -27.21 -7.66 -3.10
N LEU B 204 -27.16 -8.74 -2.31
CA LEU B 204 -27.58 -10.05 -2.77
C LEU B 204 -28.90 -10.40 -2.12
N PHE B 205 -29.77 -11.04 -2.91
CA PHE B 205 -31.16 -11.22 -2.56
C PHE B 205 -31.57 -12.66 -2.64
N ASP B 206 -32.35 -13.07 -1.63
CA ASP B 206 -32.97 -14.43 -1.56
C ASP B 206 -34.42 -14.30 -2.01
N THR B 207 -34.73 -14.78 -3.22
CA THR B 207 -36.04 -14.59 -3.81
C THR B 207 -37.01 -15.58 -3.25
N GLU B 208 -36.55 -16.62 -2.52
CA GLU B 208 -37.55 -17.50 -1.90
C GLU B 208 -38.22 -16.84 -0.68
N LYS B 209 -37.50 -15.95 0.01
CA LYS B 209 -38.06 -15.29 1.21
C LYS B 209 -38.31 -13.82 0.92
N ASN B 210 -37.85 -13.34 -0.25
CA ASN B 210 -37.89 -11.95 -0.61
C ASN B 210 -37.20 -10.99 0.35
N THR B 211 -35.98 -11.32 0.74
CA THR B 211 -35.24 -10.51 1.72
C THR B 211 -33.79 -10.51 1.26
N ILE B 212 -33.12 -9.40 1.54
CA ILE B 212 -31.71 -9.30 1.21
C ILE B 212 -30.96 -10.36 2.01
N CYS B 213 -30.03 -11.08 1.39
CA CYS B 213 -29.31 -12.09 2.15
C CYS B 213 -27.78 -11.91 2.16
N GLY B 214 -27.26 -10.78 1.73
CA GLY B 214 -25.81 -10.60 1.92
C GLY B 214 -25.35 -9.31 1.25
N ILE B 215 -24.21 -8.76 1.68
CA ILE B 215 -23.55 -7.64 1.02
C ILE B 215 -22.15 -8.15 0.70
N ILE B 216 -21.62 -7.89 -0.52
CA ILE B 216 -20.33 -8.47 -0.90
C ILE B 216 -19.46 -7.34 -1.45
N ASP B 217 -18.25 -7.68 -1.91
CA ASP B 217 -17.34 -6.73 -2.58
C ASP B 217 -16.87 -5.56 -1.70
N PHE B 218 -16.00 -5.86 -0.75
CA PHE B 218 -15.55 -4.80 0.18
C PHE B 218 -14.17 -4.18 -0.20
N GLY B 219 -13.60 -4.53 -1.36
CA GLY B 219 -12.27 -4.09 -1.78
C GLY B 219 -12.08 -2.56 -1.98
N ASP B 220 -13.16 -1.75 -1.93
CA ASP B 220 -13.03 -0.27 -1.94
C ASP B 220 -13.44 0.36 -0.62
N ALA B 221 -13.75 -0.47 0.37
CA ALA B 221 -14.20 0.04 1.70
C ALA B 221 -13.07 0.87 2.29
N ALA B 222 -13.42 1.95 3.00
CA ALA B 222 -12.43 2.94 3.39
C ALA B 222 -13.05 3.74 4.46
N ILE B 223 -12.23 4.52 5.15
CA ILE B 223 -12.70 5.49 6.11
C ILE B 223 -12.93 6.82 5.43
N SER B 224 -14.21 7.20 5.33
CA SER B 224 -14.56 8.33 4.44
C SER B 224 -15.97 8.82 4.74
N ASP B 225 -16.64 9.46 3.77
CA ASP B 225 -17.93 10.17 4.02
C ASP B 225 -19.05 9.13 3.95
N PRO B 226 -19.83 8.95 5.04
CA PRO B 226 -20.94 8.02 4.98
C PRO B 226 -21.97 8.37 3.90
N ASP B 227 -22.07 9.65 3.48
CA ASP B 227 -22.91 9.93 2.32
C ASP B 227 -22.61 9.16 1.04
N ASN B 228 -21.35 8.71 0.86
CA ASN B 228 -20.94 7.95 -0.33
C ASN B 228 -21.84 6.71 -0.58
N ASP B 229 -22.34 6.09 0.50
CA ASP B 229 -23.07 4.83 0.36
C ASP B 229 -24.57 5.08 0.06
N PHE B 230 -25.07 6.29 0.25
CA PHE B 230 -26.38 6.66 -0.32
C PHE B 230 -26.26 7.07 -1.79
N ILE B 231 -25.29 7.91 -2.10
CA ILE B 231 -25.11 8.38 -3.47
C ILE B 231 -24.93 7.27 -4.49
N SER B 232 -24.19 6.23 -4.15
CA SER B 232 -23.99 5.13 -5.12
C SER B 232 -25.31 4.34 -5.36
N LEU B 233 -26.30 4.53 -4.52
CA LEU B 233 -27.57 3.82 -4.72
C LEU B 233 -28.51 4.57 -5.66
N MET B 234 -28.18 5.85 -5.88
CA MET B 234 -29.15 6.83 -6.39
C MET B 234 -29.14 7.02 -7.91
N GLU B 235 -28.07 6.72 -8.62
CA GLU B 235 -28.18 6.82 -10.08
C GLU B 235 -29.52 6.25 -10.66
N ASP B 236 -30.25 7.07 -11.41
CA ASP B 236 -31.60 6.69 -11.87
C ASP B 236 -31.58 5.69 -13.04
N ASP B 237 -30.62 5.88 -13.96
CA ASP B 237 -30.56 5.04 -15.17
C ASP B 237 -30.13 3.61 -14.86
N GLU B 238 -29.54 3.39 -13.69
CA GLU B 238 -29.00 2.07 -13.40
C GLU B 238 -29.16 1.58 -11.95
N GLU B 239 -29.42 2.47 -11.00
CA GLU B 239 -29.45 2.03 -9.62
C GLU B 239 -30.88 2.28 -9.15
N TYR B 240 -31.09 2.56 -7.88
CA TYR B 240 -32.43 2.53 -7.36
C TYR B 240 -33.28 3.80 -7.52
N GLY B 241 -32.67 4.97 -7.56
CA GLY B 241 -33.49 6.19 -7.70
C GLY B 241 -34.04 6.67 -6.35
N MET B 242 -34.56 7.90 -6.32
CA MET B 242 -34.82 8.60 -5.06
C MET B 242 -35.92 8.03 -4.17
N GLU B 243 -37.06 7.61 -4.73
CA GLU B 243 -38.16 7.08 -3.91
C GLU B 243 -37.61 5.97 -2.97
N PHE B 244 -36.93 5.00 -3.55
CA PHE B 244 -36.37 3.94 -2.72
C PHE B 244 -35.27 4.49 -1.81
N VAL B 245 -34.40 5.30 -2.35
CA VAL B 245 -33.27 5.73 -1.54
C VAL B 245 -33.77 6.73 -0.41
N SER B 246 -34.85 7.49 -0.60
CA SER B 246 -35.30 8.30 0.52
C SER B 246 -35.89 7.46 1.66
N LYS B 247 -36.46 6.28 1.35
CA LYS B 247 -36.90 5.38 2.42
C LYS B 247 -35.69 4.93 3.22
N ILE B 248 -34.58 4.55 2.54
CA ILE B 248 -33.39 4.15 3.26
C ILE B 248 -32.94 5.33 4.14
N LEU B 249 -32.85 6.51 3.55
CA LEU B 249 -32.42 7.66 4.37
C LEU B 249 -33.30 7.95 5.61
N ASN B 250 -34.62 7.83 5.47
CA ASN B 250 -35.48 8.04 6.64
C ASN B 250 -35.33 6.93 7.68
N HIS B 251 -35.21 5.68 7.22
CA HIS B 251 -34.91 4.57 8.15
C HIS B 251 -33.60 4.78 8.88
N TYR B 252 -32.62 5.39 8.22
CA TYR B 252 -31.30 5.72 8.82
C TYR B 252 -31.35 6.96 9.73
N LYS B 253 -32.48 7.67 9.72
CA LYS B 253 -32.69 8.94 10.45
C LYS B 253 -31.66 9.98 10.00
N HIS B 254 -31.33 9.98 8.69
CA HIS B 254 -30.41 10.98 8.12
C HIS B 254 -30.94 12.36 8.34
N LYS B 255 -30.12 13.27 8.85
CA LYS B 255 -30.65 14.61 9.25
C LYS B 255 -30.56 15.70 8.17
N ASP B 256 -30.00 15.37 7.00
CA ASP B 256 -29.64 16.42 6.05
C ASP B 256 -29.66 15.86 4.65
N ILE B 257 -30.84 15.47 4.22
CA ILE B 257 -31.01 14.96 2.88
C ILE B 257 -30.59 15.97 1.78
N PRO B 258 -30.85 17.30 1.97
CA PRO B 258 -30.33 18.22 0.94
C PRO B 258 -28.82 18.01 0.62
N THR B 259 -27.99 17.80 1.63
CA THR B 259 -26.56 17.64 1.39
C THR B 259 -26.25 16.38 0.59
N VAL B 260 -27.01 15.31 0.82
CA VAL B 260 -26.88 14.09 0.04
C VAL B 260 -27.07 14.40 -1.47
N LEU B 261 -28.15 15.09 -1.84
CA LEU B 261 -28.42 15.40 -3.26
C LEU B 261 -27.33 16.26 -3.84
N GLU B 262 -26.97 17.33 -3.13
CA GLU B 262 -25.81 18.14 -3.51
C GLU B 262 -24.58 17.27 -3.78
N LYS B 263 -24.21 16.41 -2.83
CA LYS B 263 -23.05 15.50 -3.11
C LYS B 263 -23.25 14.62 -4.37
N TYR B 264 -24.47 14.11 -4.59
CA TYR B 264 -24.77 13.25 -5.79
C TYR B 264 -24.51 14.01 -7.14
N ARG B 265 -25.15 15.17 -7.29
CA ARG B 265 -24.90 16.08 -8.43
C ARG B 265 -23.39 16.41 -8.67
N MET B 266 -22.61 16.63 -7.60
CA MET B 266 -21.19 16.94 -7.81
C MET B 266 -20.52 15.68 -8.34
N LYS B 267 -20.84 14.53 -7.75
CA LYS B 267 -20.21 13.24 -8.12
C LYS B 267 -20.57 12.85 -9.58
N GLU B 268 -21.75 13.22 -10.03
CA GLU B 268 -22.14 12.95 -11.42
C GLU B 268 -21.25 13.76 -12.40
N LYS B 269 -21.01 15.04 -12.05
CA LYS B 269 -20.14 15.85 -12.85
C LYS B 269 -18.68 15.38 -12.73
N TYR B 270 -18.28 14.89 -11.55
CA TYR B 270 -16.86 14.51 -11.29
C TYR B 270 -16.41 13.27 -12.08
N TRP B 271 -17.37 12.54 -12.64
CA TRP B 271 -17.07 11.23 -13.25
C TRP B 271 -16.07 11.26 -14.43
N SER B 272 -16.09 12.33 -15.24
CA SER B 272 -15.13 12.48 -16.36
C SER B 272 -13.70 12.38 -15.85
N PHE B 273 -13.46 13.05 -14.71
CA PHE B 273 -12.13 13.11 -14.12
C PHE B 273 -11.74 11.74 -13.52
N GLU B 274 -12.72 11.11 -12.89
CA GLU B 274 -12.54 9.69 -12.51
C GLU B 274 -12.17 8.84 -13.71
N LYS B 275 -12.84 9.03 -14.84
CA LYS B 275 -12.54 8.15 -16.04
C LYS B 275 -11.12 8.23 -16.58
N ILE B 276 -10.56 9.45 -16.52
CA ILE B 276 -9.18 9.67 -16.90
C ILE B 276 -8.19 8.93 -15.97
N ILE B 277 -8.36 9.10 -14.69
CA ILE B 277 -7.50 8.50 -13.67
C ILE B 277 -7.58 6.98 -13.76
N TYR B 278 -8.81 6.41 -13.79
CA TYR B 278 -8.99 4.96 -14.03
C TYR B 278 -8.28 4.52 -15.32
N GLY B 279 -8.50 5.28 -16.37
CA GLY B 279 -7.82 5.05 -17.61
C GLY B 279 -6.37 4.63 -17.42
N LYS B 280 -5.66 5.33 -16.53
CA LYS B 280 -4.24 5.09 -16.30
C LYS B 280 -3.98 4.14 -15.09
N GLU B 281 -4.58 4.41 -13.96
CA GLU B 281 -4.32 3.57 -12.82
C GLU B 281 -4.75 2.14 -13.01
N TYR B 282 -5.88 1.93 -13.71
CA TYR B 282 -6.40 0.58 -13.94
C TYR B 282 -6.38 0.13 -15.40
N GLY B 283 -5.60 0.80 -16.26
CA GLY B 283 -5.42 0.31 -17.63
C GLY B 283 -6.56 0.52 -18.65
N TYR B 284 -7.71 1.06 -18.24
CA TYR B 284 -8.87 1.29 -19.15
C TYR B 284 -8.78 2.49 -20.09
N MET B 285 -8.09 2.30 -21.21
CA MET B 285 -7.95 3.27 -22.27
C MET B 285 -9.32 3.77 -22.74
N ASP B 286 -10.32 2.89 -22.86
CA ASP B 286 -11.64 3.33 -23.30
C ASP B 286 -12.20 4.48 -22.40
N TRP B 287 -12.09 4.32 -21.09
CA TRP B 287 -12.60 5.33 -20.14
C TRP B 287 -11.85 6.61 -20.28
N TYR B 288 -10.53 6.48 -20.42
CA TYR B 288 -9.62 7.62 -20.60
C TYR B 288 -10.04 8.47 -21.82
N GLU B 289 -10.26 7.82 -22.96
CA GLU B 289 -10.59 8.54 -24.20
C GLU B 289 -11.91 9.26 -24.07
N GLU B 290 -12.82 8.56 -23.44
CA GLU B 290 -14.16 9.03 -23.23
C GLU B 290 -14.18 10.22 -22.24
N GLY B 291 -13.49 10.10 -21.12
CA GLY B 291 -13.39 11.21 -20.19
C GLY B 291 -12.69 12.42 -20.87
N LEU B 292 -11.56 12.17 -21.56
CA LEU B 292 -10.87 13.24 -22.29
C LEU B 292 -11.80 13.95 -23.26
N ASN B 293 -12.56 13.17 -24.03
CA ASN B 293 -13.47 13.75 -24.99
C ASN B 293 -14.52 14.62 -24.30
N GLU B 294 -14.93 14.20 -23.12
CA GLU B 294 -15.91 14.98 -22.33
C GLU B 294 -15.32 16.30 -21.83
N ILE B 295 -14.09 16.28 -21.35
CA ILE B 295 -13.42 17.48 -20.91
C ILE B 295 -13.17 18.42 -22.06
N ARG B 296 -12.94 17.87 -23.26
CA ARG B 296 -12.72 18.71 -24.43
C ARG B 296 -13.97 19.51 -24.90
N SER B 297 -15.17 19.06 -24.56
CA SER B 297 -16.39 19.79 -24.86
C SER B 297 -17.43 19.52 -23.77
N ILE B 298 -17.23 20.07 -22.57
CA ILE B 298 -18.21 20.01 -21.46
C ILE B 298 -18.01 21.19 -20.51
O5' GMP C . 19.94 3.37 -5.09
C5' GMP C . 20.66 2.22 -5.53
C4' GMP C . 22.15 2.64 -5.66
O4' GMP C . 22.53 3.63 -6.76
C3' GMP C . 22.68 3.31 -4.39
O3' GMP C . 22.80 2.34 -3.32
C2' GMP C . 24.02 3.84 -4.88
O2' GMP C . 24.98 2.77 -5.06
C1' GMP C . 23.63 4.41 -6.28
N9 GMP C . 22.97 5.75 -6.04
C8 GMP C . 21.69 6.13 -5.92
N7 GMP C . 21.67 7.42 -5.67
C5 GMP C . 22.93 7.88 -5.70
C6 GMP C . 23.49 9.11 -5.51
O6 GMP C . 22.86 10.15 -5.29
N1 GMP C . 24.86 9.22 -5.58
C2 GMP C . 25.66 8.06 -5.80
N2 GMP C . 26.95 8.19 -5.84
N3 GMP C . 25.09 6.87 -5.98
C4 GMP C . 23.74 6.81 -5.91
O5' GMP D . -16.35 -10.17 -6.64
C5' GMP D . -16.57 -10.05 -8.08
C4' GMP D . -17.98 -10.48 -8.51
O4' GMP D . -17.98 -11.91 -8.26
C3' GMP D . -19.12 -10.02 -7.55
O3' GMP D . -19.56 -8.74 -7.84
C2' GMP D . -20.17 -11.04 -7.88
O2' GMP D . -20.63 -10.82 -9.22
C1' GMP D . -19.35 -12.28 -7.83
N9 GMP D . -19.29 -12.74 -6.44
C8 GMP D . -18.25 -12.56 -5.56
N7 GMP D . -18.56 -13.10 -4.36
C5 GMP D . -19.80 -13.61 -4.47
C6 GMP D . -20.56 -14.28 -3.57
O6 GMP D . -20.23 -14.54 -2.36
N1 GMP D . -21.78 -14.68 -4.03
C2 GMP D . -22.22 -14.48 -5.35
N2 GMP D . -23.43 -14.93 -5.67
N3 GMP D . -21.45 -13.82 -6.20
C4 GMP D . -20.25 -13.41 -5.77
#